data_7BEX
#
_entry.id   7BEX
#
_cell.length_a   90.250
_cell.length_b   90.250
_cell.length_c   223.390
_cell.angle_alpha   90.000
_cell.angle_beta   90.000
_cell.angle_gamma   90.000
#
_symmetry.space_group_name_H-M   'I 41 2 2'
#
loop_
_entity.id
_entity.type
_entity.pdbx_description
1 polymer 'Glyceraldehyde-3-phosphate dehydrogenase'
2 non-polymer 'SULFATE ION'
3 non-polymer "ADENOSINE-5'-DIPHOSPHATE"
4 non-polymer BETA-MERCAPTOETHANOL
5 non-polymer 'ACETATE ION'
6 water water
#
_entity_poly.entity_id   1
_entity_poly.type   'polypeptide(L)'
_entity_poly.pdbx_seq_one_letter_code
;AMAVKVAINGFGRIGRCVARIILERNDIELVAINDTTDIELTKYLFKYDTVHGEFKGSVDSEGDDLVVNGKKIKVFKSRN
VKDLDFAKHGAQIVLECTGAHLTMAKCQEFIDMGVQKVIMSAPAKDDTPTYVLGVNSELYKGESIISNASCTTNCLGPVC
RVLQDNFGIEKGLMTTIHAYTNGQSIIDAKAKDKRRSRAAAQNIIPTSTGAAKAMKLVMPELNGKLHGQSMRVPVIDVSS
VDLTAQLSRKVSKDEINEAFRKAAATNLKGILMVDDDERVSSDFITCSYGAIVASDLTQVIADDFIKVIAWYDNEWGYSS
RLVDMAVYIANKA
;
_entity_poly.pdbx_strand_id   A
#
# COMPACT_ATOMS: atom_id res chain seq x y z
N MET A 2 -18.02 -6.76 -17.22
CA MET A 2 -18.21 -5.33 -16.75
C MET A 2 -17.20 -5.04 -15.64
N ALA A 3 -16.88 -3.77 -15.43
CA ALA A 3 -15.90 -3.29 -14.45
C ALA A 3 -16.41 -3.59 -13.04
N VAL A 4 -15.57 -4.08 -12.14
CA VAL A 4 -15.98 -4.25 -10.73
C VAL A 4 -16.31 -2.88 -10.13
N LYS A 5 -17.39 -2.79 -9.36
CA LYS A 5 -17.82 -1.53 -8.74
C LYS A 5 -17.33 -1.54 -7.29
N VAL A 6 -16.66 -0.47 -6.88
CA VAL A 6 -16.08 -0.42 -5.52
C VAL A 6 -16.47 0.86 -4.83
N ALA A 7 -16.41 0.82 -3.52
CA ALA A 7 -16.52 1.99 -2.65
C ALA A 7 -15.22 2.12 -1.88
N ILE A 8 -14.87 3.35 -1.53
CA ILE A 8 -13.72 3.66 -0.63
C ILE A 8 -14.26 4.20 0.70
N ASN A 9 -13.93 3.52 1.79
CA ASN A 9 -14.24 4.05 3.12
C ASN A 9 -12.96 4.72 3.60
N GLY A 10 -12.99 6.03 3.79
CA GLY A 10 -11.83 6.79 4.27
C GLY A 10 -11.13 7.43 3.10
N PHE A 11 -11.20 8.74 3.02
CA PHE A 11 -10.77 9.52 1.85
C PHE A 11 -9.51 10.25 2.26
N GLY A 12 -8.54 9.53 2.81
CA GLY A 12 -7.23 10.11 3.21
C GLY A 12 -6.24 10.03 2.07
N ARG A 13 -4.96 9.90 2.40
CA ARG A 13 -3.91 9.81 1.36
C ARG A 13 -4.17 8.54 0.51
N ILE A 14 -4.40 7.40 1.16
CA ILE A 14 -4.59 6.14 0.39
C ILE A 14 -5.91 6.24 -0.35
N GLY A 15 -6.98 6.63 0.34
CA GLY A 15 -8.31 6.66 -0.28
C GLY A 15 -8.30 7.53 -1.52
N ARG A 16 -7.64 8.70 -1.47
CA ARG A 16 -7.69 9.63 -2.64
C ARG A 16 -6.79 9.16 -3.77
N CYS A 17 -5.62 8.61 -3.45
CA CYS A 17 -4.75 7.99 -4.50
C CYS A 17 -5.49 6.82 -5.16
N VAL A 18 -6.13 5.94 -4.36
CA VAL A 18 -6.94 4.79 -4.88
C VAL A 18 -8.01 5.32 -5.86
N ALA A 19 -8.74 6.37 -5.48
CA ALA A 19 -9.78 6.99 -6.34
C ALA A 19 -9.13 7.48 -7.64
N ARG A 20 -8.00 8.21 -7.60
CA ARG A 20 -7.37 8.71 -8.87
C ARG A 20 -7.01 7.52 -9.77
N ILE A 21 -6.47 6.44 -9.21
CA ILE A 21 -6.01 5.28 -10.02
C ILE A 21 -7.26 4.65 -10.66
N ILE A 22 -8.34 4.52 -9.89
CA ILE A 22 -9.60 3.88 -10.41
C ILE A 22 -10.10 4.72 -11.58
N LEU A 23 -10.07 6.04 -11.43
CA LEU A 23 -10.50 6.92 -12.53
C LEU A 23 -9.64 6.80 -13.80
N GLU A 24 -8.38 6.38 -13.71
CA GLU A 24 -7.50 6.15 -14.89
C GLU A 24 -7.83 4.80 -15.56
N ARG A 25 -8.59 3.90 -14.92
CA ARG A 25 -8.71 2.53 -15.47
C ARG A 25 -10.13 2.25 -15.95
N ASN A 26 -10.29 1.24 -16.81
N ASN A 26 -10.26 1.25 -16.82
CA ASN A 26 -11.61 0.89 -17.41
CA ASN A 26 -11.56 0.88 -17.47
C ASN A 26 -12.18 -0.34 -16.69
C ASN A 26 -12.03 -0.48 -16.94
N ASP A 27 -11.36 -1.08 -15.95
CA ASP A 27 -11.72 -2.41 -15.41
C ASP A 27 -12.25 -2.30 -13.98
N ILE A 28 -12.45 -1.08 -13.50
CA ILE A 28 -12.97 -0.87 -12.13
C ILE A 28 -13.61 0.51 -12.11
N GLU A 29 -14.65 0.66 -11.31
CA GLU A 29 -15.44 1.90 -11.29
C GLU A 29 -15.70 2.27 -9.84
N LEU A 30 -15.50 3.54 -9.53
CA LEU A 30 -15.73 4.07 -8.17
C LEU A 30 -17.18 4.56 -8.10
N VAL A 31 -17.99 4.02 -7.20
CA VAL A 31 -19.44 4.40 -7.07
C VAL A 31 -19.69 5.18 -5.79
N ALA A 32 -18.85 5.08 -4.76
CA ALA A 32 -19.13 5.78 -3.50
C ALA A 32 -17.86 5.96 -2.68
N ILE A 33 -17.87 7.01 -1.85
CA ILE A 33 -16.83 7.24 -0.82
C ILE A 33 -17.50 7.62 0.48
N ASN A 34 -16.72 7.57 1.54
CA ASN A 34 -17.10 8.08 2.88
C ASN A 34 -15.86 8.72 3.50
N ASP A 35 -16.05 9.89 4.16
CA ASP A 35 -15.09 10.50 5.12
C ASP A 35 -15.89 11.29 6.15
N THR A 36 -15.24 12.17 6.91
CA THR A 36 -15.88 13.00 7.95
C THR A 36 -15.68 14.45 7.52
N THR A 37 -15.62 14.69 6.22
CA THR A 37 -15.21 15.99 5.64
C THR A 37 -16.42 16.54 4.89
N ASP A 38 -16.68 17.83 4.89
CA ASP A 38 -17.73 18.37 4.01
C ASP A 38 -17.26 18.30 2.55
N ILE A 39 -18.21 18.49 1.65
CA ILE A 39 -18.01 18.20 0.21
C ILE A 39 -17.01 19.23 -0.35
N GLU A 40 -16.99 20.48 0.15
CA GLU A 40 -16.13 21.54 -0.44
C GLU A 40 -14.68 21.15 -0.17
N LEU A 41 -14.40 20.58 1.00
CA LEU A 41 -13.02 20.19 1.34
C LEU A 41 -12.65 18.91 0.60
N THR A 42 -13.59 17.93 0.47
CA THR A 42 -13.41 16.68 -0.32
C THR A 42 -12.95 17.06 -1.74
N LYS A 43 -13.65 17.97 -2.37
CA LYS A 43 -13.38 18.37 -3.76
C LYS A 43 -11.96 18.96 -3.84
N TYR A 44 -11.68 19.91 -2.96
CA TYR A 44 -10.38 20.63 -2.90
C TYR A 44 -9.22 19.63 -2.72
N LEU A 45 -9.28 18.74 -1.72
CA LEU A 45 -8.19 17.75 -1.49
C LEU A 45 -8.10 16.76 -2.66
N PHE A 46 -9.21 16.40 -3.33
CA PHE A 46 -9.14 15.46 -4.47
C PHE A 46 -8.51 16.16 -5.67
N LYS A 47 -8.86 17.44 -5.95
CA LYS A 47 -8.42 18.20 -7.12
C LYS A 47 -6.94 18.55 -7.01
N TYR A 48 -6.49 19.01 -5.86
CA TYR A 48 -5.13 19.58 -5.69
C TYR A 48 -4.35 18.68 -4.72
N ASP A 49 -3.14 18.29 -5.11
CA ASP A 49 -2.34 17.32 -4.31
C ASP A 49 -0.92 17.84 -4.29
N THR A 50 -0.39 18.14 -3.12
CA THR A 50 0.99 18.64 -3.01
C THR A 50 1.91 17.62 -3.68
N VAL A 51 1.67 16.33 -3.48
CA VAL A 51 2.63 15.28 -3.93
C VAL A 51 2.36 14.89 -5.39
N HIS A 52 1.13 14.54 -5.74
CA HIS A 52 0.83 13.89 -7.03
C HIS A 52 0.30 14.91 -8.04
N GLY A 53 0.25 16.20 -7.71
CA GLY A 53 -0.16 17.22 -8.66
C GLY A 53 -1.67 17.30 -8.86
N GLU A 54 -2.08 18.26 -9.64
CA GLU A 54 -3.50 18.59 -9.89
C GLU A 54 -4.15 17.44 -10.65
N PHE A 55 -5.34 17.05 -10.23
CA PHE A 55 -6.17 16.10 -11.01
C PHE A 55 -6.52 16.77 -12.35
N LYS A 56 -6.29 16.07 -13.45
CA LYS A 56 -6.58 16.63 -14.78
C LYS A 56 -8.06 16.34 -15.04
N GLY A 57 -8.90 17.34 -15.14
CA GLY A 57 -10.32 17.01 -15.35
C GLY A 57 -11.16 17.69 -14.30
N SER A 58 -12.46 17.65 -14.54
CA SER A 58 -13.46 18.48 -13.82
C SER A 58 -13.79 17.77 -12.51
N VAL A 59 -13.77 18.54 -11.44
CA VAL A 59 -14.13 18.07 -10.09
C VAL A 59 -15.20 19.02 -9.58
N ASP A 60 -16.44 18.55 -9.65
CA ASP A 60 -17.63 19.37 -9.28
C ASP A 60 -18.39 18.61 -8.21
N SER A 61 -19.47 19.20 -7.70
CA SER A 61 -20.41 18.52 -6.80
C SER A 61 -21.85 18.86 -7.21
N GLU A 62 -22.77 17.98 -6.88
CA GLU A 62 -24.23 18.19 -7.00
C GLU A 62 -24.80 17.55 -5.72
N GLY A 63 -25.13 18.36 -4.72
CA GLY A 63 -25.48 17.95 -3.35
C GLY A 63 -24.35 17.17 -2.70
N ASP A 64 -24.57 15.88 -2.44
CA ASP A 64 -23.65 14.88 -1.80
C ASP A 64 -23.20 13.86 -2.86
N ASP A 65 -23.08 14.33 -4.08
CA ASP A 65 -22.35 13.64 -5.17
C ASP A 65 -21.17 14.53 -5.53
N LEU A 66 -19.99 13.93 -5.51
CA LEU A 66 -18.81 14.39 -6.24
C LEU A 66 -19.11 14.07 -7.69
N VAL A 67 -18.81 14.97 -8.61
CA VAL A 67 -18.96 14.72 -10.06
C VAL A 67 -17.58 14.87 -10.69
N VAL A 68 -16.97 13.77 -11.10
CA VAL A 68 -15.58 13.76 -11.63
C VAL A 68 -15.64 13.41 -13.13
N ASN A 69 -15.15 14.33 -13.96
CA ASN A 69 -15.28 14.20 -15.44
C ASN A 69 -16.70 13.78 -15.76
N GLY A 70 -17.69 14.45 -15.16
CA GLY A 70 -19.12 14.19 -15.41
C GLY A 70 -19.67 12.90 -14.77
N LYS A 71 -18.93 12.09 -14.02
CA LYS A 71 -19.56 10.89 -13.41
C LYS A 71 -19.86 11.14 -11.93
N LYS A 72 -21.05 10.76 -11.47
CA LYS A 72 -21.48 10.99 -10.08
C LYS A 72 -20.95 9.88 -9.20
N ILE A 73 -20.36 10.28 -8.07
CA ILE A 73 -19.85 9.40 -6.99
C ILE A 73 -20.58 9.83 -5.73
N LYS A 74 -21.37 8.93 -5.14
CA LYS A 74 -22.03 9.16 -3.82
C LYS A 74 -20.99 9.45 -2.74
N VAL A 75 -21.19 10.53 -1.98
CA VAL A 75 -20.32 10.87 -0.81
C VAL A 75 -21.15 10.74 0.46
N PHE A 76 -20.85 9.71 1.26
CA PHE A 76 -21.33 9.63 2.66
C PHE A 76 -20.40 10.46 3.56
N LYS A 77 -20.87 10.71 4.76
CA LYS A 77 -20.11 11.45 5.78
C LYS A 77 -20.50 10.88 7.14
N SER A 78 -20.12 9.65 7.46
CA SER A 78 -20.54 9.01 8.71
C SER A 78 -19.42 8.13 9.26
N ARG A 79 -19.06 8.33 10.53
CA ARG A 79 -18.13 7.46 11.29
C ARG A 79 -18.68 6.04 11.41
N ASN A 80 -20.01 5.83 11.36
CA ASN A 80 -20.68 4.54 11.70
CA ASN A 80 -20.61 4.51 11.71
C ASN A 80 -20.98 3.74 10.44
N VAL A 81 -20.41 2.55 10.35
CA VAL A 81 -20.57 1.61 9.22
C VAL A 81 -22.05 1.34 8.96
N LYS A 82 -22.91 1.44 9.99
CA LYS A 82 -24.37 1.17 9.85
C LYS A 82 -25.02 2.21 8.91
N ASP A 83 -24.51 3.44 8.80
CA ASP A 83 -25.09 4.48 7.89
C ASP A 83 -24.52 4.41 6.45
N LEU A 84 -23.66 3.43 6.14
CA LEU A 84 -22.93 3.42 4.83
C LEU A 84 -23.51 2.32 3.93
N ASP A 85 -24.61 2.62 3.24
CA ASP A 85 -25.18 1.63 2.28
CA ASP A 85 -25.25 1.71 2.25
C ASP A 85 -24.45 1.78 0.95
N PHE A 86 -23.21 1.30 0.93
CA PHE A 86 -22.37 1.26 -0.28
C PHE A 86 -23.02 0.39 -1.34
N ALA A 87 -23.55 -0.77 -0.96
CA ALA A 87 -24.11 -1.77 -1.92
C ALA A 87 -25.35 -1.17 -2.61
N LYS A 88 -26.08 -0.29 -1.93
CA LYS A 88 -27.25 0.41 -2.52
C LYS A 88 -26.82 1.28 -3.72
N HIS A 89 -25.54 1.68 -3.77
CA HIS A 89 -24.97 2.47 -4.90
CA HIS A 89 -24.97 2.49 -4.88
C HIS A 89 -24.16 1.59 -5.82
N GLY A 90 -24.22 0.28 -5.63
CA GLY A 90 -23.68 -0.69 -6.60
C GLY A 90 -22.37 -1.32 -6.16
N ALA A 91 -21.84 -0.96 -5.00
CA ALA A 91 -20.48 -1.37 -4.58
C ALA A 91 -20.48 -2.88 -4.36
N GLN A 92 -19.58 -3.59 -5.04
CA GLN A 92 -19.33 -5.04 -4.81
C GLN A 92 -18.19 -5.21 -3.82
N ILE A 93 -17.15 -4.37 -3.91
CA ILE A 93 -15.97 -4.39 -3.00
C ILE A 93 -15.83 -3.05 -2.30
N VAL A 94 -15.60 -3.11 -0.99
CA VAL A 94 -15.23 -1.95 -0.14
C VAL A 94 -13.73 -2.01 0.11
N LEU A 95 -13.05 -0.94 -0.30
CA LEU A 95 -11.65 -0.66 0.07
C LEU A 95 -11.66 0.07 1.39
N GLU A 96 -11.19 -0.60 2.44
CA GLU A 96 -11.31 -0.09 3.81
C GLU A 96 -10.05 0.70 4.11
N CYS A 97 -10.14 2.02 3.91
CA CYS A 97 -9.01 2.97 3.98
C CYS A 97 -9.13 3.90 5.19
N THR A 98 -9.86 3.54 6.24
CA THR A 98 -10.03 4.42 7.42
C THR A 98 -8.95 4.20 8.47
N GLY A 99 -8.25 3.05 8.42
CA GLY A 99 -7.36 2.62 9.50
C GLY A 99 -8.11 2.22 10.77
N ALA A 100 -9.44 2.14 10.77
CA ALA A 100 -10.22 2.07 12.02
C ALA A 100 -10.98 0.75 12.10
N HIS A 101 -10.96 -0.09 11.06
CA HIS A 101 -11.84 -1.28 10.96
C HIS A 101 -11.05 -2.53 10.52
N LEU A 102 -9.98 -2.86 11.23
CA LEU A 102 -8.95 -3.84 10.82
C LEU A 102 -9.14 -5.18 11.54
N THR A 103 -10.38 -5.63 11.73
CA THR A 103 -10.77 -6.98 12.19
C THR A 103 -11.92 -7.46 11.32
N MET A 104 -12.07 -8.77 11.19
CA MET A 104 -13.20 -9.34 10.41
C MET A 104 -14.53 -8.93 11.06
N ALA A 105 -14.59 -8.84 12.39
CA ALA A 105 -15.79 -8.47 13.18
C ALA A 105 -16.33 -7.12 12.68
N LYS A 106 -15.46 -6.11 12.63
CA LYS A 106 -15.83 -4.76 12.13
C LYS A 106 -16.22 -4.84 10.65
N CYS A 107 -15.48 -5.56 9.82
CA CYS A 107 -15.77 -5.54 8.37
C CYS A 107 -17.02 -6.36 8.07
N GLN A 108 -17.42 -7.26 8.98
CA GLN A 108 -18.58 -8.16 8.76
C GLN A 108 -19.84 -7.30 8.49
N GLU A 109 -19.96 -6.15 9.14
CA GLU A 109 -21.13 -5.25 8.95
C GLU A 109 -21.30 -4.90 7.47
N PHE A 110 -20.21 -4.69 6.72
CA PHE A 110 -20.32 -4.35 5.28
C PHE A 110 -20.96 -5.52 4.54
N ILE A 111 -20.47 -6.74 4.83
CA ILE A 111 -20.96 -8.00 4.20
C ILE A 111 -22.44 -8.18 4.58
N ASP A 112 -22.78 -8.03 5.85
CA ASP A 112 -24.18 -8.05 6.35
C ASP A 112 -25.03 -7.06 5.53
N MET A 113 -24.49 -5.89 5.17
CA MET A 113 -25.29 -4.88 4.44
C MET A 113 -25.17 -5.09 2.94
N GLY A 114 -24.72 -6.27 2.48
CA GLY A 114 -24.78 -6.62 1.06
C GLY A 114 -23.48 -6.39 0.30
N VAL A 115 -22.41 -5.93 0.94
CA VAL A 115 -21.12 -5.86 0.21
C VAL A 115 -20.62 -7.31 0.03
N GLN A 116 -20.07 -7.68 -1.12
CA GLN A 116 -19.52 -9.05 -1.35
C GLN A 116 -18.11 -9.18 -0.74
N LYS A 117 -17.21 -8.20 -0.92
CA LYS A 117 -15.83 -8.31 -0.38
C LYS A 117 -15.35 -6.98 0.22
N VAL A 118 -14.56 -7.08 1.29
CA VAL A 118 -13.84 -5.96 1.94
C VAL A 118 -12.33 -6.25 1.87
N ILE A 119 -11.56 -5.24 1.47
CA ILE A 119 -10.07 -5.26 1.48
C ILE A 119 -9.62 -4.18 2.44
N MET A 120 -8.97 -4.58 3.53
CA MET A 120 -8.30 -3.66 4.47
C MET A 120 -7.04 -3.11 3.83
N SER A 121 -6.85 -1.81 3.99
CA SER A 121 -5.73 -1.01 3.46
C SER A 121 -4.61 -0.98 4.50
N ALA A 122 -4.53 -1.97 5.39
CA ALA A 122 -3.46 -2.09 6.39
C ALA A 122 -3.48 -3.50 6.95
N PRO A 123 -2.38 -3.93 7.62
CA PRO A 123 -2.34 -5.22 8.32
C PRO A 123 -3.53 -5.37 9.27
N ALA A 124 -4.11 -6.55 9.32
CA ALA A 124 -5.25 -6.89 10.19
C ALA A 124 -4.75 -6.91 11.62
N LYS A 125 -5.61 -6.56 12.57
CA LYS A 125 -5.32 -6.71 14.02
C LYS A 125 -5.80 -8.06 14.53
N ASP A 126 -6.46 -8.89 13.74
CA ASP A 126 -6.89 -10.27 14.09
C ASP A 126 -6.25 -11.26 13.10
N ASP A 127 -6.84 -12.41 12.85
CA ASP A 127 -6.29 -13.41 11.89
C ASP A 127 -7.08 -13.35 10.56
N THR A 128 -7.58 -12.18 10.17
CA THR A 128 -8.07 -11.94 8.79
C THR A 128 -7.00 -12.45 7.83
N PRO A 129 -7.35 -13.26 6.82
CA PRO A 129 -6.40 -13.68 5.80
C PRO A 129 -5.75 -12.49 5.11
N THR A 130 -4.44 -12.61 4.87
CA THR A 130 -3.58 -11.55 4.29
C THR A 130 -3.05 -12.03 2.95
N TYR A 131 -3.23 -11.21 1.92
CA TYR A 131 -2.80 -11.47 0.53
C TYR A 131 -1.98 -10.29 -0.01
N VAL A 132 -0.88 -10.59 -0.70
CA VAL A 132 -0.01 -9.59 -1.37
C VAL A 132 0.28 -10.10 -2.79
N LEU A 133 -0.09 -9.30 -3.78
CA LEU A 133 0.04 -9.64 -5.23
C LEU A 133 1.50 -9.97 -5.53
N GLY A 134 1.70 -11.09 -6.23
CA GLY A 134 3.01 -11.59 -6.64
C GLY A 134 3.67 -12.39 -5.56
N VAL A 135 3.11 -12.40 -4.34
CA VAL A 135 3.79 -13.03 -3.18
C VAL A 135 3.03 -14.30 -2.77
N ASN A 136 1.73 -14.18 -2.47
CA ASN A 136 0.85 -15.31 -2.12
C ASN A 136 -0.55 -15.16 -2.71
N SER A 137 -0.74 -14.23 -3.67
CA SER A 137 -2.06 -13.95 -4.28
C SER A 137 -2.61 -15.22 -4.96
N GLU A 138 -1.72 -16.10 -5.44
CA GLU A 138 -2.14 -17.34 -6.15
C GLU A 138 -2.93 -18.24 -5.19
N LEU A 139 -2.74 -18.10 -3.88
CA LEU A 139 -3.37 -18.95 -2.87
C LEU A 139 -4.75 -18.41 -2.48
N TYR A 140 -5.23 -17.31 -3.07
CA TYR A 140 -6.51 -16.70 -2.63
C TYR A 140 -7.61 -17.74 -2.82
N LYS A 141 -8.48 -17.86 -1.83
CA LYS A 141 -9.53 -18.94 -1.76
C LYS A 141 -10.93 -18.33 -1.79
N GLY A 142 -11.10 -17.08 -2.25
CA GLY A 142 -12.42 -16.43 -2.34
C GLY A 142 -12.90 -15.88 -1.02
N GLU A 143 -12.05 -15.71 -0.02
CA GLU A 143 -12.45 -15.13 1.28
C GLU A 143 -13.10 -13.74 1.05
N SER A 144 -14.05 -13.41 1.92
CA SER A 144 -14.96 -12.25 1.85
C SER A 144 -14.23 -11.02 2.35
N ILE A 145 -13.38 -11.24 3.33
CA ILE A 145 -12.64 -10.17 4.03
C ILE A 145 -11.17 -10.53 4.00
N ILE A 146 -10.31 -9.63 3.51
CA ILE A 146 -8.84 -9.88 3.46
C ILE A 146 -8.14 -8.57 3.83
N SER A 147 -6.88 -8.69 4.19
CA SER A 147 -5.95 -7.54 4.32
C SER A 147 -4.98 -7.55 3.15
N ASN A 148 -4.68 -6.37 2.63
CA ASN A 148 -3.66 -6.17 1.56
C ASN A 148 -2.30 -5.90 2.21
N ALA A 149 -2.17 -6.10 3.53
CA ALA A 149 -0.94 -5.86 4.31
C ALA A 149 -0.61 -4.37 4.24
N SER A 150 0.66 -3.98 4.32
CA SER A 150 1.06 -2.55 4.39
C SER A 150 1.77 -2.16 3.10
N CYS A 151 2.02 -0.86 2.94
CA CYS A 151 2.87 -0.33 1.84
C CYS A 151 4.25 -1.01 1.90
N THR A 152 4.84 -1.13 3.08
CA THR A 152 6.17 -1.80 3.27
C THR A 152 6.12 -3.26 2.84
N THR A 153 5.05 -3.98 3.17
CA THR A 153 4.93 -5.41 2.80
C THR A 153 4.89 -5.52 1.28
N ASN A 154 4.31 -4.53 0.60
CA ASN A 154 4.11 -4.64 -0.86
C ASN A 154 5.40 -4.24 -1.59
N CYS A 155 6.42 -3.85 -0.83
CA CYS A 155 7.81 -3.63 -1.31
C CYS A 155 8.68 -4.81 -0.88
N LEU A 156 8.81 -5.01 0.43
CA LEU A 156 9.62 -6.11 1.02
C LEU A 156 9.16 -7.48 0.47
N GLY A 157 7.84 -7.69 0.38
CA GLY A 157 7.23 -8.96 -0.04
C GLY A 157 7.72 -9.39 -1.42
N PRO A 158 7.50 -8.58 -2.47
CA PRO A 158 8.05 -8.90 -3.79
C PRO A 158 9.57 -9.11 -3.82
N VAL A 159 10.35 -8.33 -3.06
CA VAL A 159 11.82 -8.52 -2.97
C VAL A 159 12.15 -9.91 -2.39
N CYS A 160 11.50 -10.29 -1.29
CA CYS A 160 11.70 -11.59 -0.61
C CYS A 160 11.27 -12.75 -1.52
N ARG A 161 10.20 -12.58 -2.30
CA ARG A 161 9.68 -13.64 -3.20
C ARG A 161 10.85 -14.04 -4.14
N VAL A 162 11.48 -13.06 -4.75
CA VAL A 162 12.59 -13.27 -5.72
C VAL A 162 13.78 -13.89 -4.99
N LEU A 163 14.16 -13.37 -3.82
CA LEU A 163 15.38 -13.88 -3.15
C LEU A 163 15.14 -15.32 -2.68
N GLN A 164 13.97 -15.57 -2.10
CA GLN A 164 13.60 -16.90 -1.56
C GLN A 164 13.59 -17.90 -2.71
N ASP A 165 12.92 -17.55 -3.80
CA ASP A 165 12.70 -18.51 -4.92
C ASP A 165 14.04 -18.80 -5.62
N ASN A 166 14.95 -17.83 -5.71
CA ASN A 166 16.23 -18.06 -6.43
C ASN A 166 17.33 -18.63 -5.53
N PHE A 167 17.44 -18.18 -4.28
CA PHE A 167 18.65 -18.39 -3.46
C PHE A 167 18.32 -19.02 -2.11
N GLY A 168 17.18 -18.69 -1.55
CA GLY A 168 16.85 -19.06 -0.16
C GLY A 168 17.29 -18.01 0.87
N ILE A 169 16.39 -17.70 1.81
CA ILE A 169 16.65 -16.71 2.90
C ILE A 169 16.78 -17.44 4.21
N GLU A 170 17.94 -17.31 4.86
CA GLU A 170 18.21 -17.94 6.16
C GLU A 170 17.71 -16.98 7.24
N LYS A 171 18.04 -15.70 7.10
CA LYS A 171 17.64 -14.68 8.10
C LYS A 171 17.90 -13.29 7.55
N GLY A 172 17.24 -12.27 8.10
CA GLY A 172 17.46 -10.90 7.62
C GLY A 172 16.81 -9.87 8.52
N LEU A 173 17.30 -8.64 8.40
CA LEU A 173 16.79 -7.48 9.17
C LEU A 173 16.63 -6.33 8.17
N MET A 174 15.53 -5.61 8.30
CA MET A 174 15.11 -4.57 7.37
C MET A 174 15.08 -3.23 8.11
N THR A 175 15.52 -2.18 7.43
CA THR A 175 15.19 -0.79 7.82
C THR A 175 14.47 -0.17 6.64
N THR A 176 13.32 0.47 6.87
CA THR A 176 12.71 1.36 5.88
C THR A 176 13.14 2.79 6.20
N ILE A 177 13.71 3.46 5.22
CA ILE A 177 13.93 4.92 5.22
C ILE A 177 12.68 5.50 4.61
N HIS A 178 11.81 5.99 5.48
CA HIS A 178 10.39 6.21 5.17
C HIS A 178 10.02 7.69 5.21
N ALA A 179 9.21 8.12 4.23
CA ALA A 179 8.60 9.46 4.18
C ALA A 179 7.80 9.68 5.46
N TYR A 180 7.68 10.92 5.91
CA TYR A 180 6.80 11.24 7.05
C TYR A 180 5.34 11.00 6.62
N THR A 181 4.46 10.80 7.60
CA THR A 181 3.04 10.47 7.37
C THR A 181 2.20 11.26 8.35
N ASN A 182 0.90 11.24 8.12
CA ASN A 182 -0.12 11.87 8.99
C ASN A 182 -0.11 11.26 10.39
N GLY A 183 0.52 10.11 10.63
CA GLY A 183 0.70 9.60 12.00
C GLY A 183 1.72 10.42 12.79
N GLN A 184 2.39 11.39 12.17
CA GLN A 184 3.48 12.12 12.84
C GLN A 184 3.06 13.56 13.15
N SER A 185 3.83 14.31 13.93
CA SER A 185 3.51 15.69 14.37
C SER A 185 4.31 16.68 13.54
N ILE A 186 3.68 17.78 13.14
CA ILE A 186 4.35 18.85 12.36
C ILE A 186 5.36 19.58 13.26
N ILE A 187 5.00 19.81 14.53
CA ILE A 187 5.90 20.42 15.55
C ILE A 187 5.87 19.48 16.76
N ASP A 188 6.81 19.63 17.70
CA ASP A 188 6.88 18.79 18.92
C ASP A 188 5.55 18.94 19.68
N ALA A 189 4.73 17.87 19.68
CA ALA A 189 3.38 17.90 20.30
C ALA A 189 2.95 16.48 20.59
N LYS A 190 2.00 16.35 21.52
CA LYS A 190 1.44 15.06 21.97
C LYS A 190 1.09 14.17 20.77
N ALA A 191 1.61 12.95 20.74
CA ALA A 191 1.20 11.88 19.81
C ALA A 191 1.17 10.58 20.60
N LYS A 192 0.97 9.46 19.94
CA LYS A 192 0.67 8.18 20.64
C LYS A 192 1.94 7.65 21.31
N ASP A 193 3.14 8.13 20.94
CA ASP A 193 4.43 7.72 21.58
C ASP A 193 5.41 8.89 21.52
N LYS A 194 6.50 8.74 22.25
CA LYS A 194 7.55 9.75 22.40
C LYS A 194 8.02 10.19 21.03
N ARG A 195 8.59 9.25 20.25
CA ARG A 195 9.30 9.64 18.98
C ARG A 195 8.30 10.25 17.96
N ARG A 196 7.11 9.70 17.85
CA ARG A 196 6.09 10.27 16.92
C ARG A 196 5.65 11.68 17.35
N SER A 197 5.92 12.09 18.59
CA SER A 197 5.55 13.45 19.10
C SER A 197 6.50 14.51 18.53
N ARG A 198 7.58 14.11 17.82
CA ARG A 198 8.67 15.05 17.42
C ARG A 198 8.48 15.51 15.97
N ALA A 199 8.85 16.77 15.74
CA ALA A 199 8.66 17.49 14.48
C ALA A 199 9.17 16.64 13.29
N ALA A 200 8.26 16.21 12.43
CA ALA A 200 8.53 15.21 11.38
C ALA A 200 9.42 15.74 10.26
N ALA A 201 9.33 17.03 9.92
CA ALA A 201 10.07 17.57 8.76
C ALA A 201 11.45 18.13 9.19
N GLN A 202 11.84 17.93 10.47
CA GLN A 202 13.10 18.48 11.02
C GLN A 202 13.88 17.41 11.79
N ASN A 203 13.57 16.13 11.60
CA ASN A 203 14.23 15.04 12.35
C ASN A 203 14.29 13.76 11.52
N ILE A 204 15.29 12.93 11.76
CA ILE A 204 15.20 11.46 11.55
C ILE A 204 14.54 10.83 12.78
N ILE A 205 13.46 10.07 12.57
CA ILE A 205 12.58 9.59 13.68
C ILE A 205 12.42 8.08 13.56
N PRO A 206 13.14 7.31 14.39
CA PRO A 206 12.88 5.87 14.48
C PRO A 206 11.40 5.63 14.83
N THR A 207 10.80 4.65 14.17
CA THR A 207 9.42 4.22 14.41
C THR A 207 9.36 2.71 14.12
N SER A 208 8.44 2.01 14.75
CA SER A 208 8.33 0.54 14.55
C SER A 208 7.61 0.27 13.23
N THR A 209 7.83 -0.91 12.67
CA THR A 209 7.01 -1.53 11.61
C THR A 209 6.98 -3.01 11.93
N GLY A 210 5.84 -3.68 11.90
CA GLY A 210 5.82 -5.16 12.03
C GLY A 210 5.91 -5.88 10.67
N ALA A 211 6.17 -5.12 9.59
CA ALA A 211 6.09 -5.60 8.17
C ALA A 211 6.94 -6.87 8.02
N ALA A 212 8.07 -6.94 8.72
CA ALA A 212 9.08 -8.00 8.48
C ALA A 212 8.62 -9.28 9.19
N LYS A 213 8.23 -9.19 10.46
CA LYS A 213 7.83 -10.40 11.26
C LYS A 213 6.57 -11.00 10.61
N ALA A 214 5.62 -10.13 10.20
CA ALA A 214 4.33 -10.40 9.52
C ALA A 214 4.52 -10.96 8.09
N MET A 215 5.74 -11.05 7.60
CA MET A 215 6.01 -11.66 6.28
C MET A 215 5.65 -13.13 6.40
N LYS A 216 5.64 -13.67 7.62
CA LYS A 216 5.21 -15.07 7.88
C LYS A 216 3.78 -15.27 7.42
N LEU A 217 2.94 -14.22 7.44
CA LEU A 217 1.56 -14.36 6.91
C LEU A 217 1.62 -14.66 5.41
N VAL A 218 2.47 -14.01 4.61
CA VAL A 218 2.38 -14.20 3.12
C VAL A 218 3.48 -15.16 2.63
N MET A 219 4.51 -15.36 3.42
CA MET A 219 5.60 -16.32 3.11
C MET A 219 5.91 -17.09 4.39
N PRO A 220 5.17 -18.18 4.68
CA PRO A 220 5.31 -18.92 5.95
C PRO A 220 6.72 -19.46 6.18
N GLU A 221 7.48 -19.69 5.10
CA GLU A 221 8.88 -20.18 5.15
C GLU A 221 9.74 -19.12 5.85
N LEU A 222 9.26 -17.88 5.94
CA LEU A 222 10.05 -16.80 6.59
C LEU A 222 9.63 -16.58 8.03
N ASN A 223 8.84 -17.50 8.57
CA ASN A 223 8.40 -17.43 9.97
C ASN A 223 9.63 -17.44 10.86
N GLY A 224 9.79 -16.44 11.71
CA GLY A 224 10.94 -16.36 12.65
C GLY A 224 12.23 -15.97 11.98
N LYS A 225 12.25 -15.59 10.69
CA LYS A 225 13.56 -15.29 10.07
C LYS A 225 13.79 -13.80 9.77
N LEU A 226 12.82 -12.93 9.98
CA LEU A 226 12.93 -11.48 9.60
C LEU A 226 12.40 -10.64 10.75
N HIS A 227 13.04 -9.49 11.01
CA HIS A 227 12.54 -8.36 11.83
CA HIS A 227 12.35 -8.37 11.68
C HIS A 227 12.89 -7.08 11.06
N GLY A 228 12.36 -5.97 11.52
CA GLY A 228 12.64 -4.70 10.84
C GLY A 228 12.25 -3.51 11.70
N GLN A 229 12.57 -2.35 11.18
CA GLN A 229 12.26 -1.08 11.84
C GLN A 229 12.25 0.00 10.78
N SER A 230 11.74 1.14 11.16
CA SER A 230 11.59 2.30 10.26
C SER A 230 12.36 3.49 10.80
N MET A 231 12.90 4.29 9.90
CA MET A 231 13.54 5.59 10.18
C MET A 231 12.82 6.62 9.31
N ARG A 232 11.93 7.42 9.91
CA ARG A 232 11.13 8.45 9.22
C ARG A 232 12.03 9.66 9.00
N VAL A 233 12.06 10.16 7.75
CA VAL A 233 12.96 11.26 7.33
C VAL A 233 12.14 12.35 6.62
N PRO A 234 12.62 13.60 6.58
CA PRO A 234 11.83 14.71 6.01
C PRO A 234 11.74 14.71 4.46
N VAL A 235 11.10 13.70 3.90
CA VAL A 235 10.46 13.75 2.56
C VAL A 235 8.98 13.46 2.74
N ILE A 236 8.20 14.12 1.91
CA ILE A 236 6.71 14.08 1.95
C ILE A 236 6.18 12.74 1.45
N ASP A 237 6.94 12.04 0.62
CA ASP A 237 6.51 10.78 0.00
C ASP A 237 7.72 10.14 -0.67
N VAL A 238 7.63 8.83 -0.77
CA VAL A 238 8.62 7.86 -1.30
C VAL A 238 9.58 7.45 -0.20
N SER A 239 9.81 6.15 -0.14
CA SER A 239 10.46 5.43 0.98
C SER A 239 11.36 4.37 0.33
N SER A 240 12.24 3.75 1.12
CA SER A 240 13.05 2.60 0.64
C SER A 240 13.09 1.48 1.68
N VAL A 241 12.96 0.27 1.20
CA VAL A 241 13.31 -0.96 1.97
C VAL A 241 14.83 -1.17 1.84
N ASP A 242 15.51 -1.26 2.98
CA ASP A 242 16.95 -1.60 3.06
C ASP A 242 16.98 -2.96 3.76
N LEU A 243 17.07 -4.05 2.97
CA LEU A 243 17.00 -5.43 3.46
C LEU A 243 18.41 -5.99 3.51
N THR A 244 18.83 -6.45 4.67
CA THR A 244 20.13 -7.13 4.82
C THR A 244 19.82 -8.56 5.20
N ALA A 245 20.33 -9.53 4.45
CA ALA A 245 19.90 -10.93 4.63
C ALA A 245 21.11 -11.86 4.48
N GLN A 246 21.07 -12.97 5.16
CA GLN A 246 21.95 -14.12 4.88
C GLN A 246 21.17 -15.11 4.04
N LEU A 247 21.64 -15.37 2.83
CA LEU A 247 21.04 -16.34 1.89
C LEU A 247 21.61 -17.76 2.14
N SER A 248 20.96 -18.78 1.58
CA SER A 248 21.27 -20.23 1.78
C SER A 248 22.52 -20.65 0.99
N ARG A 249 23.03 -19.81 0.09
CA ARG A 249 24.22 -20.15 -0.73
C ARG A 249 24.94 -18.88 -1.14
N LYS A 250 26.16 -19.03 -1.66
CA LYS A 250 26.98 -17.94 -2.23
C LYS A 250 26.23 -17.41 -3.44
N VAL A 251 26.17 -16.09 -3.53
CA VAL A 251 25.62 -15.37 -4.70
C VAL A 251 26.58 -14.23 -5.05
N SER A 252 26.39 -13.66 -6.25
CA SER A 252 27.05 -12.41 -6.66
C SER A 252 26.02 -11.28 -6.73
N LYS A 253 26.50 -10.04 -6.69
CA LYS A 253 25.66 -8.85 -6.97
C LYS A 253 24.92 -9.05 -8.31
N ASP A 254 25.65 -9.41 -9.37
CA ASP A 254 25.08 -9.48 -10.72
C ASP A 254 23.99 -10.55 -10.71
N GLU A 255 24.25 -11.68 -10.08
CA GLU A 255 23.25 -12.75 -10.01
C GLU A 255 21.94 -12.23 -9.37
N ILE A 256 22.05 -11.52 -8.24
CA ILE A 256 20.89 -10.95 -7.50
C ILE A 256 20.14 -10.01 -8.43
N ASN A 257 20.84 -9.08 -9.06
CA ASN A 257 20.16 -8.07 -9.92
C ASN A 257 19.49 -8.75 -11.12
N GLU A 258 20.14 -9.77 -11.70
CA GLU A 258 19.57 -10.49 -12.86
C GLU A 258 18.29 -11.22 -12.41
N ALA A 259 18.29 -11.83 -11.24
CA ALA A 259 17.07 -12.47 -10.69
C ALA A 259 15.92 -11.44 -10.60
N PHE A 260 16.20 -10.23 -10.09
CA PHE A 260 15.16 -9.15 -10.03
C PHE A 260 14.71 -8.74 -11.43
N ARG A 261 15.61 -8.56 -12.42
CA ARG A 261 15.17 -8.13 -13.78
C ARG A 261 14.33 -9.27 -14.37
N LYS A 262 14.71 -10.51 -14.16
CA LYS A 262 13.91 -11.63 -14.69
C LYS A 262 12.49 -11.63 -14.09
N ALA A 263 12.33 -11.48 -12.79
CA ALA A 263 11.01 -11.40 -12.14
C ALA A 263 10.22 -10.20 -12.66
N ALA A 264 10.90 -9.07 -12.87
CA ALA A 264 10.31 -7.81 -13.40
C ALA A 264 9.66 -8.05 -14.78
N ALA A 265 10.21 -8.97 -15.56
CA ALA A 265 9.72 -9.25 -16.94
C ALA A 265 8.65 -10.34 -16.92
N THR A 266 8.51 -11.11 -15.82
CA THR A 266 7.70 -12.36 -15.80
C THR A 266 6.73 -12.33 -14.60
N ASN A 267 7.00 -13.09 -13.55
CA ASN A 267 6.07 -13.31 -12.41
C ASN A 267 5.78 -12.00 -11.64
N LEU A 268 6.67 -10.99 -11.64
CA LEU A 268 6.41 -9.70 -10.93
C LEU A 268 6.27 -8.52 -11.88
N LYS A 269 5.81 -8.77 -13.10
CA LYS A 269 5.51 -7.70 -14.08
C LYS A 269 4.47 -6.74 -13.51
N GLY A 270 4.78 -5.45 -13.50
CA GLY A 270 3.88 -4.40 -13.00
C GLY A 270 4.00 -4.25 -11.49
N ILE A 271 4.72 -5.15 -10.83
CA ILE A 271 4.83 -5.19 -9.34
C ILE A 271 6.24 -4.80 -8.91
N LEU A 272 7.27 -5.46 -9.42
CA LEU A 272 8.68 -5.11 -9.09
C LEU A 272 9.36 -4.70 -10.40
N MET A 273 10.14 -3.64 -10.34
CA MET A 273 11.00 -3.21 -11.46
C MET A 273 12.39 -2.97 -10.88
N VAL A 274 13.34 -2.79 -11.78
CA VAL A 274 14.74 -2.52 -11.42
C VAL A 274 15.11 -1.17 -12.03
N ASP A 275 15.68 -0.32 -11.20
CA ASP A 275 16.24 0.99 -11.61
C ASP A 275 17.72 0.79 -11.94
N ASP A 276 18.04 1.06 -13.20
CA ASP A 276 19.42 1.02 -13.74
C ASP A 276 19.79 2.43 -14.17
N ASP A 277 19.02 3.44 -13.79
CA ASP A 277 19.28 4.86 -14.16
C ASP A 277 19.79 5.73 -13.01
N GLU A 278 20.04 5.16 -11.82
CA GLU A 278 20.53 5.93 -10.65
C GLU A 278 19.58 7.08 -10.33
N ARG A 279 18.29 6.76 -10.23
CA ARG A 279 17.27 7.71 -9.77
C ARG A 279 17.42 8.02 -8.28
N VAL A 280 16.74 9.07 -7.86
CA VAL A 280 16.62 9.42 -6.42
C VAL A 280 15.14 9.33 -6.06
N SER A 281 14.77 9.61 -4.81
CA SER A 281 13.41 9.30 -4.30
C SER A 281 12.32 10.03 -5.11
N SER A 282 12.47 11.33 -5.40
CA SER A 282 11.43 12.15 -6.10
CA SER A 282 11.40 12.12 -6.08
C SER A 282 11.08 11.53 -7.46
N ASP A 283 12.00 10.79 -8.05
CA ASP A 283 11.76 10.22 -9.40
C ASP A 283 10.70 9.12 -9.34
N PHE A 284 10.32 8.65 -8.14
CA PHE A 284 9.36 7.53 -7.99
C PHE A 284 8.02 8.04 -7.48
N ILE A 285 7.85 9.36 -7.42
CA ILE A 285 6.57 9.99 -7.04
C ILE A 285 5.54 9.61 -8.11
N THR A 286 4.43 9.00 -7.70
CA THR A 286 3.33 8.57 -8.58
C THR A 286 3.80 7.38 -9.42
N CYS A 287 4.73 6.55 -8.93
CA CYS A 287 5.14 5.28 -9.59
C CYS A 287 4.26 4.16 -9.01
N SER A 288 3.71 3.32 -9.88
CA SER A 288 2.72 2.27 -9.56
C SER A 288 3.42 0.98 -9.08
N TYR A 289 4.74 0.87 -9.20
CA TYR A 289 5.45 -0.39 -8.82
C TYR A 289 5.52 -0.43 -7.30
N GLY A 290 5.33 -1.62 -6.72
CA GLY A 290 5.47 -1.82 -5.27
C GLY A 290 6.90 -1.79 -4.79
N ALA A 291 7.85 -2.16 -5.67
CA ALA A 291 9.29 -2.26 -5.35
C ALA A 291 10.07 -1.84 -6.57
N ILE A 292 11.04 -0.94 -6.39
CA ILE A 292 11.99 -0.53 -7.44
C ILE A 292 13.40 -0.77 -6.89
N VAL A 293 13.97 -1.94 -7.18
CA VAL A 293 15.34 -2.31 -6.76
C VAL A 293 16.35 -1.37 -7.43
N ALA A 294 17.14 -0.67 -6.63
CA ALA A 294 18.24 0.17 -7.16
C ALA A 294 19.44 -0.74 -7.40
N SER A 295 19.64 -1.17 -8.64
CA SER A 295 20.56 -2.29 -8.97
C SER A 295 21.98 -1.96 -8.50
N ASP A 296 22.42 -0.71 -8.70
CA ASP A 296 23.80 -0.33 -8.34
C ASP A 296 24.02 -0.36 -6.82
N LEU A 297 22.98 -0.41 -6.01
CA LEU A 297 23.17 -0.38 -4.54
C LEU A 297 23.23 -1.82 -3.98
N THR A 298 22.93 -2.82 -4.78
CA THR A 298 22.95 -4.24 -4.31
C THR A 298 24.36 -4.57 -3.84
N GLN A 299 24.53 -5.09 -2.63
CA GLN A 299 25.86 -5.47 -2.09
C GLN A 299 25.85 -6.92 -1.60
N VAL A 300 27.01 -7.58 -1.74
CA VAL A 300 27.29 -8.93 -1.18
C VAL A 300 28.65 -8.88 -0.46
N ILE A 301 28.74 -9.44 0.73
CA ILE A 301 30.06 -9.64 1.38
C ILE A 301 30.13 -11.08 1.86
N ALA A 302 31.33 -11.67 1.82
CA ALA A 302 31.60 -12.99 2.45
C ALA A 302 30.56 -13.99 1.96
N ASP A 303 30.31 -14.01 0.65
CA ASP A 303 29.55 -15.04 -0.12
C ASP A 303 28.04 -14.87 0.00
N ASP A 304 27.48 -14.83 1.20
CA ASP A 304 26.04 -15.10 1.41
C ASP A 304 25.33 -13.95 2.13
N PHE A 305 26.00 -12.82 2.34
CA PHE A 305 25.51 -11.73 3.21
C PHE A 305 25.25 -10.52 2.32
N ILE A 306 23.98 -10.15 2.16
CA ILE A 306 23.54 -9.27 1.04
C ILE A 306 22.78 -8.07 1.59
N LYS A 307 22.77 -7.01 0.79
CA LYS A 307 21.90 -5.84 0.98
C LYS A 307 21.23 -5.47 -0.33
N VAL A 308 19.92 -5.27 -0.26
CA VAL A 308 19.04 -4.81 -1.37
C VAL A 308 18.32 -3.55 -0.87
N ILE A 309 18.45 -2.49 -1.65
CA ILE A 309 17.68 -1.24 -1.49
C ILE A 309 16.64 -1.14 -2.61
N ALA A 310 15.37 -1.09 -2.21
CA ALA A 310 14.21 -0.99 -3.13
C ALA A 310 13.32 0.18 -2.72
N TRP A 311 13.09 1.10 -3.66
CA TRP A 311 12.21 2.25 -3.49
C TRP A 311 10.76 1.78 -3.51
N TYR A 312 9.87 2.59 -2.94
CA TYR A 312 8.40 2.46 -3.11
C TYR A 312 7.78 3.84 -2.86
N ASP A 313 6.88 4.25 -3.75
CA ASP A 313 5.93 5.36 -3.45
C ASP A 313 4.98 4.76 -2.43
N ASN A 314 5.23 5.06 -1.15
CA ASN A 314 4.44 4.48 -0.03
C ASN A 314 2.95 4.80 -0.15
N GLU A 315 2.56 5.84 -0.90
CA GLU A 315 1.14 6.15 -1.25
C GLU A 315 0.73 5.39 -2.53
N TRP A 316 1.39 5.62 -3.64
CA TRP A 316 0.88 5.25 -4.98
C TRP A 316 1.08 3.75 -5.26
N GLY A 317 2.21 3.17 -4.87
CA GLY A 317 2.47 1.73 -5.12
C GLY A 317 1.43 0.88 -4.42
N TYR A 318 1.25 1.09 -3.11
CA TYR A 318 0.25 0.38 -2.29
C TYR A 318 -1.15 0.61 -2.86
N SER A 319 -1.53 1.87 -3.17
CA SER A 319 -2.86 2.22 -3.72
C SER A 319 -3.10 1.42 -5.03
N SER A 320 -2.08 1.31 -5.87
CA SER A 320 -2.13 0.58 -7.15
C SER A 320 -2.36 -0.89 -6.87
N ARG A 321 -1.71 -1.45 -5.82
CA ARG A 321 -1.92 -2.84 -5.39
C ARG A 321 -3.35 -3.06 -4.87
N LEU A 322 -3.89 -2.14 -4.08
CA LEU A 322 -5.28 -2.25 -3.56
C LEU A 322 -6.26 -2.37 -4.73
N VAL A 323 -6.06 -1.56 -5.77
CA VAL A 323 -6.94 -1.50 -6.97
C VAL A 323 -6.74 -2.82 -7.73
N ASP A 324 -5.49 -3.23 -7.96
CA ASP A 324 -5.14 -4.54 -8.58
C ASP A 324 -5.82 -5.68 -7.81
N MET A 325 -5.78 -5.61 -6.50
CA MET A 325 -6.33 -6.68 -5.63
C MET A 325 -7.88 -6.72 -5.74
N ALA A 326 -8.56 -5.57 -5.79
CA ALA A 326 -10.02 -5.52 -6.04
C ALA A 326 -10.33 -6.19 -7.39
N VAL A 327 -9.61 -5.81 -8.43
CA VAL A 327 -9.85 -6.40 -9.78
C VAL A 327 -9.61 -7.91 -9.70
N TYR A 328 -8.52 -8.34 -9.07
CA TYR A 328 -8.14 -9.76 -9.01
C TYR A 328 -9.21 -10.59 -8.26
N ILE A 329 -9.64 -10.19 -7.06
CA ILE A 329 -10.55 -11.04 -6.25
C ILE A 329 -11.97 -10.92 -6.78
N ALA A 330 -12.30 -9.88 -7.55
CA ALA A 330 -13.69 -9.59 -7.97
C ALA A 330 -14.25 -10.85 -8.65
#